data_4MQ6
#
_entry.id   4MQ6
#
_cell.length_a   48.540
_cell.length_b   70.900
_cell.length_c   81.610
_cell.angle_alpha   90.00
_cell.angle_beta   99.36
_cell.angle_gamma   90.00
#
_symmetry.space_group_name_H-M   'P 1 21 1'
#
loop_
_entity.id
_entity.type
_entity.pdbx_description
1 polymer 'Pantothenate synthetase'
2 non-polymer ETHANOL
3 non-polymer '(5-methoxy-2-{[(4-methylphenyl)sulfonyl]carbamoyl}-1H-indol-1-yl)acetic acid'
4 non-polymer 1,2-ETHANEDIOL
5 water water
#
_entity_poly.entity_id   1
_entity_poly.type   'polypeptide(L)'
_entity_poly.pdbx_seq_one_letter_code
;MAIPAFHPGELNVYSAPGDVADVSRALRLTGRRVMLVPTMGALHEGHLALVRAAKRVPGSVVVVSIFVNPMQFGAGGDLD
AYPRTPDDDLAQLRAEGVEIAFTPTTAAMYPDGLRTTVQPGPLAAELEGGPRPTHFAGVLTVVLKLLQIVRPDRVFFGEK
DYQQLVLIRQLVADFNLDVAVVGVPTVREADGLAMSSRNRYLDPAQRAAAVALSAALTAAAHAATAGAQAALDAARAVLD
AAPGVAVDYLELRDIGLGPMPLNGSGRLLVAARLGTTRLLDNIAIEIGTFAGTDRPDGYRAILESHWRN
;
_entity_poly.pdbx_strand_id   A,B
#
# COMPACT_ATOMS: atom_id res chain seq x y z
N ILE A 3 20.25 6.59 -12.39
CA ILE A 3 21.06 7.00 -11.17
C ILE A 3 21.88 8.32 -11.35
N PRO A 4 21.52 9.38 -10.58
CA PRO A 4 22.25 10.67 -10.64
C PRO A 4 23.54 10.64 -9.81
N ALA A 5 24.14 11.80 -9.57
CA ALA A 5 25.34 11.91 -8.71
C ALA A 5 25.05 11.64 -7.22
N PHE A 6 25.95 10.91 -6.55
CA PHE A 6 25.98 10.80 -5.09
C PHE A 6 27.36 11.10 -4.56
N HIS A 7 27.52 12.20 -3.85
CA HIS A 7 28.80 12.47 -3.23
C HIS A 7 28.73 12.06 -1.75
N PRO A 8 29.46 10.99 -1.31
CA PRO A 8 29.39 10.64 0.12
C PRO A 8 30.00 11.71 1.05
N GLY A 9 29.62 11.63 2.32
CA GLY A 9 30.04 12.62 3.31
C GLY A 9 29.57 14.04 2.97
N GLU A 10 28.69 14.18 1.96
CA GLU A 10 28.01 15.45 1.73
C GLU A 10 26.45 15.21 1.79
N LEU A 11 25.70 16.29 1.95
CA LEU A 11 24.24 16.23 1.85
C LEU A 11 23.88 16.36 0.37
N ASN A 12 23.27 15.29 -0.16
CA ASN A 12 22.76 15.25 -1.51
C ASN A 12 21.26 15.38 -1.45
N VAL A 13 20.75 16.41 -2.13
CA VAL A 13 19.31 16.68 -2.11
C VAL A 13 18.75 16.18 -3.45
N TYR A 14 17.74 15.30 -3.39
CA TYR A 14 16.98 14.84 -4.59
C TYR A 14 15.50 15.18 -4.48
N SER A 15 14.94 15.77 -5.54
N SER A 15 14.95 15.75 -5.54
CA SER A 15 13.49 15.93 -5.59
CA SER A 15 13.52 15.98 -5.58
C SER A 15 12.79 14.80 -6.33
C SER A 15 12.73 15.00 -6.47
N ALA A 16 13.38 14.33 -7.41
CA ALA A 16 12.68 13.35 -8.27
C ALA A 16 12.60 12.01 -7.56
N PRO A 17 11.40 11.39 -7.47
CA PRO A 17 11.38 10.09 -6.79
C PRO A 17 12.33 9.13 -7.43
N GLY A 18 12.37 9.18 -8.77
CA GLY A 18 13.30 8.24 -9.46
C GLY A 18 14.76 8.44 -9.11
N ASP A 19 15.21 9.70 -8.93
CA ASP A 19 16.60 9.89 -8.47
C ASP A 19 16.87 9.19 -7.13
N VAL A 20 16.01 9.39 -6.14
CA VAL A 20 16.40 8.87 -4.83
C VAL A 20 16.23 7.33 -4.85
N ALA A 21 15.31 6.83 -5.67
CA ALA A 21 15.06 5.42 -5.76
C ALA A 21 16.32 4.74 -6.33
N ASP A 22 16.84 5.35 -7.39
CA ASP A 22 18.03 4.78 -8.08
C ASP A 22 19.26 4.83 -7.15
N VAL A 23 19.50 5.98 -6.49
CA VAL A 23 20.61 6.10 -5.55
C VAL A 23 20.47 5.13 -4.41
N SER A 24 19.26 5.04 -3.84
CA SER A 24 19.05 4.08 -2.75
C SER A 24 19.38 2.64 -3.15
N ARG A 25 18.88 2.20 -4.30
CA ARG A 25 19.02 0.82 -4.73
C ARG A 25 20.49 0.53 -5.04
N ALA A 26 21.16 1.52 -5.60
CA ALA A 26 22.60 1.35 -5.89
C ALA A 26 23.42 1.22 -4.59
N LEU A 27 23.11 2.08 -3.60
CA LEU A 27 23.74 1.99 -2.29
C LEU A 27 23.50 0.65 -1.62
N ARG A 28 22.25 0.20 -1.64
CA ARG A 28 21.91 -1.03 -0.96
C ARG A 28 22.74 -2.21 -1.55
N LEU A 29 22.93 -2.15 -2.84
CA LEU A 29 23.63 -3.20 -3.56
C LEU A 29 25.12 -3.13 -3.34
N THR A 30 25.67 -1.96 -3.02
CA THR A 30 27.03 -1.96 -2.60
C THR A 30 27.18 -2.22 -1.11
N GLY A 31 26.15 -2.77 -0.42
CA GLY A 31 26.26 -3.11 1.03
C GLY A 31 25.81 -2.12 2.16
N ARG A 32 25.50 -0.86 1.82
CA ARG A 32 25.03 0.09 2.83
C ARG A 32 23.58 -0.26 3.20
N ARG A 33 23.21 -0.05 4.43
CA ARG A 33 21.83 -0.29 4.76
C ARG A 33 21.17 1.07 4.75
N VAL A 34 19.99 1.13 4.16
CA VAL A 34 19.36 2.40 3.93
C VAL A 34 18.35 2.66 5.07
N MET A 35 18.51 3.80 5.71
CA MET A 35 17.60 4.18 6.84
C MET A 35 16.78 5.36 6.35
N LEU A 36 15.47 5.28 6.61
CA LEU A 36 14.56 6.40 6.25
C LEU A 36 13.99 7.06 7.51
N VAL A 37 14.05 8.40 7.54
CA VAL A 37 13.39 9.21 8.54
C VAL A 37 12.38 10.11 7.78
N PRO A 38 11.13 9.76 7.81
CA PRO A 38 10.18 10.56 7.00
C PRO A 38 9.69 11.67 7.88
N THR A 39 9.73 12.86 7.33
CA THR A 39 9.27 14.07 8.14
C THR A 39 8.43 15.00 7.24
N MET A 40 7.73 15.96 7.90
CA MET A 40 6.96 16.99 7.20
C MET A 40 7.74 18.28 7.38
N GLY A 41 9.05 18.14 7.64
CA GLY A 41 9.91 19.36 7.69
C GLY A 41 9.72 20.09 9.05
N ALA A 42 10.12 21.35 9.09
CA ALA A 42 10.13 22.14 10.32
C ALA A 42 10.85 21.38 11.46
N LEU A 43 12.06 20.93 11.18
CA LEU A 43 12.76 19.96 12.00
C LEU A 43 13.20 20.53 13.33
N HIS A 44 13.03 19.70 14.33
CA HIS A 44 13.41 20.03 15.69
C HIS A 44 14.31 18.91 16.25
N GLU A 45 14.74 19.04 17.51
CA GLU A 45 15.67 18.14 18.08
C GLU A 45 15.08 16.71 18.14
N GLY A 46 13.77 16.59 18.23
CA GLY A 46 13.19 15.23 18.14
C GLY A 46 13.47 14.52 16.80
N HIS A 47 13.39 15.29 15.71
CA HIS A 47 13.81 14.76 14.40
C HIS A 47 15.28 14.42 14.42
N LEU A 48 16.10 15.31 15.06
CA LEU A 48 17.56 15.00 15.06
C LEU A 48 17.83 13.72 15.84
N ALA A 49 16.98 13.43 16.86
CA ALA A 49 17.16 12.15 17.61
C ALA A 49 16.85 10.98 16.68
N LEU A 50 15.83 11.13 15.81
CA LEU A 50 15.53 10.08 14.82
C LEU A 50 16.72 9.84 13.91
N VAL A 51 17.30 10.93 13.39
CA VAL A 51 18.46 10.87 12.55
C VAL A 51 19.64 10.24 13.26
N ARG A 52 19.87 10.61 14.50
CA ARG A 52 21.00 10.04 15.23
C ARG A 52 20.81 8.54 15.46
N ALA A 53 19.57 8.14 15.74
CA ALA A 53 19.25 6.72 15.86
C ALA A 53 19.57 5.96 14.58
N ALA A 54 19.18 6.53 13.46
CA ALA A 54 19.45 5.92 12.18
C ALA A 54 20.95 5.86 11.88
N LYS A 55 21.67 6.93 12.20
CA LYS A 55 23.14 6.94 11.95
C LYS A 55 23.88 5.89 12.74
N ARG A 56 23.33 5.51 13.87
CA ARG A 56 23.89 4.54 14.77
C ARG A 56 23.89 3.15 14.17
N VAL A 57 23.04 2.88 13.17
CA VAL A 57 23.01 1.51 12.55
C VAL A 57 24.26 1.33 11.70
N PRO A 58 25.04 0.23 12.00
CA PRO A 58 26.30 0.10 11.25
C PRO A 58 26.18 0.01 9.69
N GLY A 59 26.99 0.80 9.03
CA GLY A 59 26.99 0.78 7.61
C GLY A 59 25.82 1.61 7.04
N SER A 60 25.02 2.23 7.90
CA SER A 60 23.88 3.03 7.41
C SER A 60 24.21 4.13 6.38
N VAL A 61 23.23 4.34 5.47
CA VAL A 61 23.16 5.65 4.79
C VAL A 61 21.77 6.23 5.20
N VAL A 62 21.71 7.52 5.57
CA VAL A 62 20.42 8.02 6.14
C VAL A 62 19.75 8.89 5.06
N VAL A 63 18.47 8.57 4.78
CA VAL A 63 17.67 9.36 3.89
C VAL A 63 16.63 10.04 4.79
N VAL A 64 16.57 11.39 4.73
CA VAL A 64 15.53 12.09 5.49
C VAL A 64 14.61 12.60 4.43
N SER A 65 13.30 12.26 4.50
CA SER A 65 12.38 12.84 3.49
C SER A 65 11.66 14.04 4.17
N ILE A 66 11.43 15.07 3.37
CA ILE A 66 10.71 16.31 3.83
C ILE A 66 9.57 16.52 2.81
N PHE A 67 8.33 16.40 3.25
CA PHE A 67 7.26 16.56 2.31
C PHE A 67 6.00 16.78 3.14
N VAL A 68 5.34 17.91 2.90
CA VAL A 68 4.15 18.26 3.69
C VAL A 68 3.02 17.64 2.84
N ASN A 69 2.45 16.57 3.34
CA ASN A 69 1.59 15.80 2.48
C ASN A 69 0.17 16.33 2.45
N PRO A 70 -0.28 16.85 1.31
CA PRO A 70 -1.62 17.48 1.32
C PRO A 70 -2.75 16.48 1.62
N MET A 71 -2.49 15.19 1.46
CA MET A 71 -3.62 14.21 1.50
C MET A 71 -4.11 13.85 2.89
N GLN A 72 -3.29 14.16 3.91
CA GLN A 72 -3.67 13.96 5.30
C GLN A 72 -4.33 15.23 5.96
N PHE A 73 -4.49 16.31 5.18
CA PHE A 73 -5.20 17.50 5.70
C PHE A 73 -6.61 17.58 5.08
N GLY A 74 -7.56 18.17 5.81
CA GLY A 74 -8.90 18.38 5.24
C GLY A 74 -9.10 19.87 5.08
N ALA A 75 -10.00 20.29 4.16
CA ALA A 75 -10.31 21.73 3.98
C ALA A 75 -10.26 22.52 5.31
N GLY A 76 -10.03 23.82 5.20
CA GLY A 76 -9.59 24.56 6.35
C GLY A 76 -8.19 25.06 6.01
N GLY A 77 -7.61 25.75 6.98
CA GLY A 77 -6.36 26.45 6.73
C GLY A 77 -5.17 25.64 7.15
N ASP A 78 -5.45 24.37 7.51
CA ASP A 78 -4.44 23.54 8.14
C ASP A 78 -3.21 23.30 7.24
N LEU A 79 -3.48 22.92 6.00
CA LEU A 79 -2.36 22.69 5.04
C LEU A 79 -1.57 23.99 4.79
N ASP A 80 -2.25 25.10 4.46
CA ASP A 80 -1.53 26.39 4.30
C ASP A 80 -0.77 26.86 5.54
N ALA A 81 -1.31 26.52 6.73
CA ALA A 81 -0.77 26.93 8.04
C ALA A 81 0.41 26.09 8.50
N TYR A 82 0.60 24.92 7.90
CA TYR A 82 1.67 24.05 8.41
C TYR A 82 3.04 24.74 8.36
N PRO A 83 3.85 24.66 9.45
CA PRO A 83 5.15 25.42 9.38
C PRO A 83 6.10 24.91 8.30
N ARG A 84 6.72 25.81 7.53
CA ARG A 84 7.64 25.37 6.51
C ARG A 84 8.87 26.21 6.79
N THR A 85 10.02 25.53 7.01
CA THR A 85 11.31 26.23 7.32
C THR A 85 12.43 25.45 6.62
N PRO A 86 12.35 25.30 5.29
CA PRO A 86 13.25 24.49 4.47
C PRO A 86 14.73 24.84 4.67
N ASP A 87 15.02 26.12 4.90
CA ASP A 87 16.40 26.56 5.02
C ASP A 87 17.04 26.01 6.28
N ASP A 88 16.42 26.30 7.42
N ASP A 88 16.41 26.23 7.42
CA ASP A 88 16.74 25.71 8.71
CA ASP A 88 16.87 25.68 8.67
C ASP A 88 16.84 24.18 8.49
C ASP A 88 16.73 24.15 8.70
N ASP A 89 15.78 23.56 7.94
CA ASP A 89 15.77 22.05 7.80
C ASP A 89 17.05 21.49 7.19
N LEU A 90 17.42 21.98 6.01
CA LEU A 90 18.61 21.46 5.30
C LEU A 90 19.94 21.76 6.03
N ALA A 91 20.01 22.95 6.61
CA ALA A 91 21.10 23.33 7.55
C ALA A 91 21.30 22.32 8.69
N GLN A 92 20.22 21.97 9.38
CA GLN A 92 20.31 20.93 10.41
C GLN A 92 20.81 19.57 9.89
N LEU A 93 20.35 19.19 8.69
CA LEU A 93 20.71 17.82 8.19
C LEU A 93 22.21 17.78 7.85
N ARG A 94 22.69 18.86 7.26
CA ARG A 94 24.13 18.97 7.03
C ARG A 94 24.95 18.90 8.34
N ALA A 95 24.50 19.65 9.36
CA ALA A 95 25.16 19.61 10.68
C ALA A 95 25.15 18.19 11.29
N GLU A 96 24.13 17.36 10.98
CA GLU A 96 24.12 15.98 11.51
C GLU A 96 24.86 14.98 10.59
N GLY A 97 25.37 15.41 9.47
CA GLY A 97 26.09 14.52 8.59
C GLY A 97 25.16 13.62 7.76
N VAL A 98 23.88 14.02 7.60
CA VAL A 98 22.94 13.24 6.70
C VAL A 98 23.46 13.33 5.28
N GLU A 99 23.51 12.20 4.59
CA GLU A 99 23.90 12.16 3.21
C GLU A 99 22.80 12.33 2.20
N ILE A 100 21.53 12.02 2.55
CA ILE A 100 20.47 12.21 1.50
C ILE A 100 19.22 12.90 2.12
N ALA A 101 18.78 13.95 1.44
CA ALA A 101 17.49 14.53 1.76
C ALA A 101 16.63 14.31 0.49
N PHE A 102 15.41 13.84 0.69
CA PHE A 102 14.50 13.66 -0.42
C PHE A 102 13.34 14.65 -0.25
N THR A 103 13.21 15.60 -1.20
CA THR A 103 12.30 16.73 -1.00
C THR A 103 11.41 16.76 -2.27
N PRO A 104 10.44 15.83 -2.36
CA PRO A 104 9.67 15.74 -3.60
C PRO A 104 8.62 16.87 -3.70
N THR A 105 8.25 17.15 -4.96
CA THR A 105 7.13 18.05 -5.21
C THR A 105 5.79 17.32 -5.02
N THR A 106 4.74 18.10 -4.79
CA THR A 106 3.43 17.53 -4.74
C THR A 106 3.04 16.85 -6.07
N ALA A 107 3.43 17.49 -7.19
CA ALA A 107 3.13 16.91 -8.51
C ALA A 107 3.89 15.58 -8.75
N ALA A 108 5.12 15.43 -8.20
CA ALA A 108 5.87 14.21 -8.41
C ALA A 108 5.28 13.11 -7.53
N MET A 109 4.68 13.46 -6.39
CA MET A 109 4.07 12.41 -5.52
C MET A 109 2.70 12.04 -5.99
N TYR A 110 1.91 13.05 -6.45
CA TYR A 110 0.53 12.80 -6.78
C TYR A 110 0.24 13.27 -8.25
N PRO A 111 0.95 12.71 -9.24
CA PRO A 111 0.72 13.15 -10.61
C PRO A 111 -0.70 12.87 -11.08
N ASP A 112 -1.37 11.90 -10.46
CA ASP A 112 -2.71 11.56 -10.94
C ASP A 112 -3.75 11.96 -9.93
N GLY A 113 -3.35 12.83 -8.99
CA GLY A 113 -4.20 13.19 -7.85
C GLY A 113 -4.41 12.01 -6.89
N LEU A 114 -5.44 12.04 -6.10
CA LEU A 114 -5.72 10.96 -5.21
C LEU A 114 -6.49 9.87 -5.94
N ARG A 115 -5.95 8.65 -5.97
CA ARG A 115 -6.61 7.60 -6.76
C ARG A 115 -6.57 6.35 -5.92
N THR A 116 -5.56 5.50 -6.04
CA THR A 116 -5.54 4.33 -5.17
C THR A 116 -5.05 4.81 -3.80
N THR A 117 -5.67 4.32 -2.71
CA THR A 117 -5.20 4.80 -1.38
C THR A 117 -5.17 3.65 -0.41
N VAL A 118 -4.49 3.87 0.70
CA VAL A 118 -4.57 2.91 1.80
C VAL A 118 -5.79 3.19 2.65
N GLN A 119 -6.56 2.14 2.91
CA GLN A 119 -7.67 2.23 3.84
C GLN A 119 -7.20 1.57 5.13
N PRO A 120 -6.98 2.36 6.19
CA PRO A 120 -6.48 1.73 7.44
C PRO A 120 -7.59 0.88 8.06
N GLY A 121 -7.17 0.11 9.03
CA GLY A 121 -8.12 -0.66 9.88
C GLY A 121 -8.94 0.29 10.81
N PRO A 122 -9.81 -0.29 11.69
CA PRO A 122 -10.79 0.50 12.47
C PRO A 122 -10.10 1.43 13.48
N LEU A 123 -8.84 1.16 13.83
CA LEU A 123 -8.10 2.07 14.73
C LEU A 123 -8.05 3.48 14.21
N ALA A 124 -8.10 3.65 12.88
CA ALA A 124 -8.00 4.96 12.28
C ALA A 124 -9.25 5.79 12.49
N ALA A 125 -10.32 5.16 12.95
CA ALA A 125 -11.54 5.99 13.21
C ALA A 125 -11.63 6.40 14.68
N GLU A 126 -10.62 6.02 15.46
CA GLU A 126 -10.72 6.38 16.92
C GLU A 126 -9.73 7.45 17.27
N LEU A 127 -9.85 7.99 18.49
CA LEU A 127 -8.86 8.97 18.95
C LEU A 127 -8.69 10.12 17.96
N GLU A 128 -7.48 10.34 17.45
CA GLU A 128 -7.24 11.46 16.55
C GLU A 128 -8.09 11.35 15.25
N GLY A 129 -8.45 10.12 14.87
CA GLY A 129 -9.21 9.91 13.63
C GLY A 129 -10.73 10.11 13.79
N GLY A 130 -11.24 10.26 15.01
CA GLY A 130 -12.72 10.35 15.23
C GLY A 130 -13.30 11.51 14.44
N PRO A 131 -12.70 12.69 14.59
CA PRO A 131 -13.16 13.87 13.86
C PRO A 131 -12.50 14.13 12.51
N ARG A 132 -11.62 13.23 12.08
CA ARG A 132 -10.79 13.48 10.91
C ARG A 132 -10.74 12.18 10.15
N PRO A 133 -11.85 11.82 9.54
CA PRO A 133 -12.04 10.43 9.11
C PRO A 133 -11.05 9.95 8.00
N THR A 134 -10.49 10.86 7.22
CA THR A 134 -9.53 10.42 6.17
C THR A 134 -8.07 10.72 6.52
N HIS A 135 -7.86 11.27 7.72
CA HIS A 135 -6.53 11.76 8.09
C HIS A 135 -5.49 10.61 8.02
N PHE A 136 -5.81 9.49 8.66
CA PHE A 136 -4.85 8.39 8.66
C PHE A 136 -4.72 7.61 7.34
N ALA A 137 -5.77 7.59 6.52
CA ALA A 137 -5.66 7.05 5.18
C ALA A 137 -4.61 7.93 4.43
N GLY A 138 -4.67 9.22 4.66
CA GLY A 138 -3.70 10.14 4.00
C GLY A 138 -2.25 9.88 4.43
N VAL A 139 -2.11 9.66 5.73
CA VAL A 139 -0.78 9.40 6.29
C VAL A 139 -0.26 8.02 5.80
N LEU A 140 -1.05 6.98 5.92
CA LEU A 140 -0.51 5.70 5.50
C LEU A 140 -0.26 5.62 4.00
N THR A 141 -1.04 6.36 3.21
CA THR A 141 -0.83 6.35 1.77
C THR A 141 0.53 7.00 1.47
N VAL A 142 0.80 8.14 2.08
CA VAL A 142 2.15 8.73 1.80
C VAL A 142 3.33 7.90 2.35
N VAL A 143 3.14 7.32 3.52
CA VAL A 143 4.22 6.55 4.11
C VAL A 143 4.47 5.30 3.25
N LEU A 144 3.36 4.71 2.76
CA LEU A 144 3.57 3.54 1.84
C LEU A 144 4.40 3.96 0.62
N LYS A 145 4.04 5.10 0.04
CA LYS A 145 4.77 5.61 -1.16
C LYS A 145 6.24 5.86 -0.87
N LEU A 146 6.54 6.53 0.24
CA LEU A 146 7.89 6.81 0.69
C LEU A 146 8.69 5.52 0.88
N LEU A 147 8.02 4.52 1.43
CA LEU A 147 8.71 3.27 1.68
C LEU A 147 9.05 2.56 0.35
N GLN A 148 8.14 2.68 -0.63
CA GLN A 148 8.35 2.00 -1.92
C GLN A 148 9.38 2.74 -2.75
N ILE A 149 9.44 4.05 -2.56
CA ILE A 149 10.37 4.86 -3.36
C ILE A 149 11.78 4.58 -2.85
N VAL A 150 11.90 4.60 -1.54
CA VAL A 150 13.23 4.60 -0.87
C VAL A 150 13.66 3.14 -0.62
N ARG A 151 12.71 2.24 -0.39
CA ARG A 151 12.99 0.86 0.04
C ARG A 151 14.08 0.76 1.14
N PRO A 152 13.88 1.42 2.26
CA PRO A 152 14.79 1.37 3.39
C PRO A 152 14.77 0.01 4.06
N ASP A 153 15.86 -0.32 4.73
CA ASP A 153 15.86 -1.47 5.68
C ASP A 153 15.08 -1.21 6.99
N ARG A 154 15.13 0.01 7.47
CA ARG A 154 14.41 0.45 8.69
C ARG A 154 13.91 1.85 8.43
N VAL A 155 12.81 2.10 9.12
CA VAL A 155 12.21 3.45 9.05
C VAL A 155 11.96 3.93 10.48
N PHE A 156 12.22 5.23 10.72
CA PHE A 156 12.25 5.68 12.13
C PHE A 156 11.12 6.76 12.36
N PHE A 157 10.40 6.59 13.46
CA PHE A 157 9.36 7.52 13.88
C PHE A 157 9.53 7.85 15.37
N GLY A 158 9.10 9.05 15.76
CA GLY A 158 8.93 9.40 17.18
C GLY A 158 7.75 8.67 17.79
N GLU A 159 7.79 8.44 19.10
CA GLU A 159 6.62 7.88 19.80
C GLU A 159 5.54 8.89 20.13
N LYS A 160 5.79 10.19 19.89
CA LYS A 160 4.83 11.17 20.35
C LYS A 160 3.48 10.99 19.65
N ASP A 161 3.52 10.72 18.35
CA ASP A 161 2.26 10.45 17.64
C ASP A 161 2.08 8.93 17.64
N TYR A 162 1.69 8.43 18.83
CA TYR A 162 1.74 7.00 19.06
C TYR A 162 0.69 6.18 18.28
N GLN A 163 -0.52 6.71 18.21
CA GLN A 163 -1.53 6.17 17.29
C GLN A 163 -1.02 6.03 15.86
N GLN A 164 -0.36 7.08 15.32
CA GLN A 164 0.12 7.02 14.01
C GLN A 164 1.16 5.89 13.90
N LEU A 165 2.01 5.71 14.94
CA LEU A 165 3.09 4.71 14.85
C LEU A 165 2.46 3.37 14.86
N VAL A 166 1.43 3.16 15.66
CA VAL A 166 0.78 1.85 15.70
C VAL A 166 0.18 1.50 14.30
N LEU A 167 -0.50 2.47 13.68
CA LEU A 167 -1.11 2.26 12.40
C LEU A 167 -0.09 1.99 11.38
N ILE A 168 1.05 2.67 11.48
CA ILE A 168 2.14 2.31 10.58
C ILE A 168 2.68 0.87 10.74
N ARG A 169 2.77 0.42 11.99
CA ARG A 169 3.17 -0.95 12.19
C ARG A 169 2.12 -1.84 11.55
N GLN A 170 0.86 -1.44 11.68
CA GLN A 170 -0.18 -2.28 11.03
C GLN A 170 -0.02 -2.34 9.50
N LEU A 171 0.25 -1.19 8.89
CA LEU A 171 0.42 -1.10 7.44
C LEU A 171 1.58 -2.08 7.09
N VAL A 172 2.69 -1.99 7.81
CA VAL A 172 3.90 -2.82 7.53
C VAL A 172 3.57 -4.30 7.66
N ALA A 173 2.89 -4.68 8.73
CA ALA A 173 2.42 -6.09 8.88
C ALA A 173 1.44 -6.53 7.83
N ASP A 174 0.41 -5.72 7.61
CA ASP A 174 -0.75 -6.14 6.82
C ASP A 174 -0.41 -6.21 5.32
N PHE A 175 0.57 -5.35 4.89
CA PHE A 175 1.00 -5.45 3.50
C PHE A 175 2.35 -6.17 3.32
N ASN A 176 2.84 -6.89 4.35
CA ASN A 176 4.05 -7.78 4.23
C ASN A 176 5.21 -6.92 3.75
N LEU A 177 5.26 -5.66 4.22
CA LEU A 177 6.41 -4.81 3.85
C LEU A 177 7.70 -5.26 4.48
N ASP A 178 8.76 -5.19 3.67
N ASP A 178 8.83 -5.27 3.79
CA ASP A 178 10.06 -5.67 4.10
CA ASP A 178 10.01 -5.94 4.44
C ASP A 178 10.85 -4.53 4.67
C ASP A 178 10.87 -5.04 5.36
N VAL A 179 10.33 -3.93 5.75
CA VAL A 179 11.06 -2.87 6.47
C VAL A 179 10.85 -3.11 7.97
N ALA A 180 11.84 -2.75 8.79
CA ALA A 180 11.71 -2.74 10.26
C ALA A 180 11.27 -1.34 10.70
N VAL A 181 10.21 -1.31 11.47
CA VAL A 181 9.74 -0.02 12.06
C VAL A 181 10.41 0.23 13.43
N VAL A 182 11.09 1.37 13.58
CA VAL A 182 11.82 1.72 14.84
C VAL A 182 11.13 2.91 15.48
N GLY A 183 10.54 2.70 16.65
CA GLY A 183 9.94 3.86 17.40
C GLY A 183 10.96 4.42 18.36
N VAL A 184 11.15 5.73 18.35
CA VAL A 184 12.13 6.37 19.20
C VAL A 184 11.43 7.19 20.27
N PRO A 185 11.86 7.04 21.54
CA PRO A 185 11.16 7.77 22.64
C PRO A 185 11.19 9.26 22.39
N THR A 186 10.05 9.85 22.72
CA THR A 186 9.82 11.28 22.52
C THR A 186 10.91 12.11 23.21
N VAL A 187 11.50 13.05 22.46
CA VAL A 187 12.44 14.02 22.99
C VAL A 187 11.60 15.16 23.61
N ARG A 188 12.00 15.64 24.80
CA ARG A 188 11.18 16.63 25.53
C ARG A 188 11.99 17.87 25.85
N GLU A 189 11.32 19.01 26.00
CA GLU A 189 12.00 20.19 26.54
C GLU A 189 12.33 19.89 28.04
N ALA A 190 13.12 20.76 28.68
CA ALA A 190 13.62 20.50 30.03
C ALA A 190 12.51 20.33 31.08
N ASP A 191 11.33 20.93 30.84
CA ASP A 191 10.24 20.83 31.78
C ASP A 191 9.34 19.60 31.50
N GLY A 192 9.65 18.85 30.41
CA GLY A 192 8.82 17.67 30.10
C GLY A 192 7.97 17.85 28.85
N LEU A 193 7.76 19.08 28.38
CA LEU A 193 6.94 19.29 27.20
C LEU A 193 7.44 18.51 25.97
N ALA A 194 6.59 17.67 25.36
CA ALA A 194 6.99 16.88 24.18
C ALA A 194 7.39 17.84 23.05
N MET A 195 8.53 17.58 22.40
CA MET A 195 8.88 18.38 21.19
C MET A 195 7.75 18.30 20.15
N SER A 196 7.48 19.43 19.49
CA SER A 196 6.50 19.44 18.45
C SER A 196 6.70 20.72 17.62
N SER A 197 6.60 20.57 16.30
N SER A 197 6.54 20.54 16.30
CA SER A 197 6.57 21.75 15.39
CA SER A 197 6.41 21.66 15.35
C SER A 197 5.28 22.63 15.62
C SER A 197 5.44 22.69 15.89
N ARG A 198 4.36 22.20 16.51
CA ARG A 198 3.24 23.09 16.95
C ARG A 198 3.48 23.90 18.26
N ASN A 199 4.58 23.63 18.98
CA ASN A 199 4.88 24.34 20.21
C ASN A 199 5.14 25.83 19.92
N ARG A 200 5.62 26.13 18.70
CA ARG A 200 5.80 27.57 18.32
C ARG A 200 4.50 28.36 18.38
N TYR A 201 3.35 27.72 18.40
CA TYR A 201 2.08 28.46 18.47
C TYR A 201 1.52 28.67 19.86
N LEU A 202 2.31 28.36 20.90
CA LEU A 202 1.92 28.63 22.30
C LEU A 202 2.49 30.00 22.66
N ASP A 203 1.64 30.88 23.18
CA ASP A 203 2.22 32.14 23.71
C ASP A 203 2.83 31.83 25.08
N PRO A 204 3.42 32.83 25.78
CA PRO A 204 4.18 32.49 27.00
C PRO A 204 3.31 31.81 28.08
N ALA A 205 2.09 32.29 28.25
CA ALA A 205 1.14 31.73 29.23
C ALA A 205 0.78 30.31 28.82
N GLN A 206 0.48 30.09 27.53
CA GLN A 206 0.08 28.72 27.09
C GLN A 206 1.31 27.80 27.22
N ARG A 207 2.50 28.28 26.92
CA ARG A 207 3.71 27.46 27.00
C ARG A 207 3.90 27.03 28.47
N ALA A 208 3.62 27.98 29.40
CA ALA A 208 3.71 27.65 30.83
C ALA A 208 2.69 26.56 31.17
N ALA A 209 1.43 26.73 30.75
CA ALA A 209 0.35 25.80 31.09
C ALA A 209 0.54 24.42 30.43
N ALA A 210 1.13 24.43 29.22
CA ALA A 210 1.38 23.16 28.44
C ALA A 210 2.15 22.04 29.20
N VAL A 211 2.97 22.38 30.19
CA VAL A 211 3.75 21.41 30.97
C VAL A 211 2.70 20.43 31.61
N ALA A 212 1.45 20.86 31.73
CA ALA A 212 0.45 19.97 32.40
C ALA A 212 0.27 18.61 31.74
N LEU A 213 0.39 18.57 30.39
CA LEU A 213 0.24 17.29 29.74
C LEU A 213 1.25 16.32 30.26
N SER A 214 2.53 16.63 30.10
CA SER A 214 3.56 15.67 30.51
C SER A 214 3.58 15.45 32.02
N ALA A 215 3.26 16.47 32.84
CA ALA A 215 3.17 16.33 34.30
C ALA A 215 2.01 15.33 34.61
N ALA A 216 0.90 15.50 33.91
CA ALA A 216 -0.28 14.61 34.16
C ALA A 216 0.12 13.14 33.86
N LEU A 217 0.78 12.93 32.70
CA LEU A 217 1.13 11.56 32.25
C LEU A 217 2.14 10.92 33.22
N THR A 218 3.21 11.61 33.60
N THR A 218 3.14 11.68 33.63
CA THR A 218 4.15 10.99 34.56
CA THR A 218 4.13 11.15 34.55
C THR A 218 3.47 10.80 35.93
C THR A 218 3.58 10.91 35.96
N ALA A 219 2.65 11.76 36.39
CA ALA A 219 1.92 11.52 37.65
C ALA A 219 1.14 10.17 37.54
N ALA A 220 0.40 10.04 36.44
CA ALA A 220 -0.39 8.80 36.22
C ALA A 220 0.51 7.56 36.18
N ALA A 221 1.69 7.65 35.58
CA ALA A 221 2.52 6.42 35.48
C ALA A 221 3.02 5.96 36.86
N HIS A 222 3.19 6.90 37.80
CA HIS A 222 3.65 6.59 39.16
C HIS A 222 2.47 6.21 40.02
N ALA A 223 1.34 6.90 39.86
CA ALA A 223 0.09 6.53 40.54
C ALA A 223 -0.36 5.11 40.21
N ALA A 224 0.15 4.52 39.11
CA ALA A 224 -0.45 3.31 38.52
C ALA A 224 -0.24 2.09 39.44
N THR A 225 0.63 2.19 40.45
CA THR A 225 0.80 1.05 41.43
C THR A 225 -0.51 0.83 42.15
N ALA A 226 -1.31 1.87 42.23
CA ALA A 226 -2.57 1.81 42.90
C ALA A 226 -3.74 1.49 41.92
N GLY A 227 -3.45 1.23 40.65
CA GLY A 227 -4.52 0.76 39.68
C GLY A 227 -4.83 1.80 38.64
N ALA A 228 -5.66 1.37 37.68
CA ALA A 228 -5.95 2.25 36.55
C ALA A 228 -6.79 3.43 36.95
N GLN A 229 -7.77 3.23 37.84
CA GLN A 229 -8.56 4.41 38.22
C GLN A 229 -7.69 5.54 38.84
N ALA A 230 -6.78 5.14 39.71
CA ALA A 230 -5.94 6.09 40.40
C ALA A 230 -5.06 6.77 39.37
N ALA A 231 -4.54 5.99 38.44
CA ALA A 231 -3.62 6.56 37.37
C ALA A 231 -4.41 7.68 36.60
N LEU A 232 -5.59 7.31 36.09
CA LEU A 232 -6.46 8.22 35.33
C LEU A 232 -6.87 9.45 36.11
N ASP A 233 -7.15 9.23 37.39
CA ASP A 233 -7.66 10.33 38.23
C ASP A 233 -6.52 11.28 38.56
N ALA A 234 -5.30 10.70 38.76
CA ALA A 234 -4.11 11.56 39.03
C ALA A 234 -3.91 12.50 37.77
N ALA A 235 -3.87 11.91 36.57
CA ALA A 235 -3.67 12.69 35.33
C ALA A 235 -4.78 13.74 35.19
N ARG A 236 -6.01 13.33 35.46
CA ARG A 236 -7.14 14.27 35.33
C ARG A 236 -7.02 15.48 36.28
N ALA A 237 -6.55 15.23 37.50
CA ALA A 237 -6.37 16.27 38.48
C ALA A 237 -5.36 17.29 38.02
N VAL A 238 -4.25 16.80 37.47
CA VAL A 238 -3.21 17.71 37.00
C VAL A 238 -3.76 18.54 35.86
N LEU A 239 -4.41 17.90 34.90
CA LEU A 239 -4.97 18.66 33.72
C LEU A 239 -5.99 19.71 34.18
N ASP A 240 -6.83 19.29 35.12
CA ASP A 240 -7.86 20.24 35.74
C ASP A 240 -7.28 21.42 36.50
N ALA A 241 -6.08 21.27 37.05
CA ALA A 241 -5.46 22.31 37.82
C ALA A 241 -4.86 23.33 36.87
N ALA A 242 -4.87 23.06 35.55
CA ALA A 242 -4.02 23.89 34.62
C ALA A 242 -4.84 24.89 33.92
N PRO A 243 -4.40 26.16 33.96
CA PRO A 243 -5.12 27.28 33.36
C PRO A 243 -5.24 27.15 31.86
N GLY A 244 -6.46 27.10 31.34
CA GLY A 244 -6.60 27.29 29.89
C GLY A 244 -6.22 26.05 29.12
N VAL A 245 -6.12 24.91 29.81
CA VAL A 245 -6.00 23.62 29.10
C VAL A 245 -7.37 22.96 28.88
N ALA A 246 -7.79 22.80 27.63
CA ALA A 246 -9.03 22.07 27.40
C ALA A 246 -8.80 20.68 26.87
N VAL A 247 -9.17 19.69 27.68
CA VAL A 247 -8.85 18.32 27.29
C VAL A 247 -9.82 17.83 26.24
N ASP A 248 -9.30 17.23 25.15
N ASP A 248 -9.26 17.27 25.16
CA ASP A 248 -10.13 16.59 24.11
CA ASP A 248 -9.99 16.63 24.08
C ASP A 248 -10.37 15.12 24.45
C ASP A 248 -10.33 15.25 24.62
N TYR A 249 -9.31 14.42 24.87
CA TYR A 249 -9.50 13.08 25.43
C TYR A 249 -8.31 12.73 26.36
N LEU A 250 -8.54 11.80 27.25
CA LEU A 250 -7.47 11.27 28.08
C LEU A 250 -7.85 9.84 28.19
N GLU A 251 -7.06 8.96 27.59
CA GLU A 251 -7.48 7.53 27.51
C GLU A 251 -6.38 6.57 27.73
N LEU A 252 -6.74 5.55 28.50
CA LEU A 252 -5.81 4.51 28.78
C LEU A 252 -6.14 3.20 28.03
N ARG A 253 -5.21 2.71 27.25
CA ARG A 253 -5.50 1.61 26.35
C ARG A 253 -4.43 0.59 26.42
N ASP A 254 -4.72 -0.60 25.91
CA ASP A 254 -3.70 -1.60 25.68
C ASP A 254 -2.58 -1.03 24.79
N ILE A 255 -1.36 -1.57 24.79
CA ILE A 255 -0.28 -0.91 24.01
C ILE A 255 -0.46 -0.87 22.50
N GLY A 256 -1.17 -1.86 21.95
CA GLY A 256 -1.51 -1.84 20.51
C GLY A 256 -2.70 -0.99 20.21
N LEU A 257 -3.33 -0.37 21.24
CA LEU A 257 -4.52 0.50 21.05
C LEU A 257 -5.68 -0.28 20.45
N GLY A 258 -5.53 -1.63 20.34
CA GLY A 258 -6.43 -2.53 19.47
C GLY A 258 -7.63 -3.00 20.27
N PRO A 259 -8.39 -3.99 19.71
CA PRO A 259 -9.60 -4.52 20.35
C PRO A 259 -9.30 -5.58 21.44
N MET A 260 -8.48 -5.19 22.44
CA MET A 260 -8.15 -6.04 23.57
C MET A 260 -8.17 -5.14 24.82
N PRO A 261 -8.63 -5.68 25.95
CA PRO A 261 -8.67 -4.88 27.16
C PRO A 261 -7.25 -4.65 27.67
N LEU A 262 -7.10 -3.63 28.50
CA LEU A 262 -5.85 -3.36 29.15
C LEU A 262 -5.50 -4.57 30.04
N ASN A 263 -4.27 -5.09 29.86
CA ASN A 263 -3.61 -6.04 30.77
C ASN A 263 -2.67 -5.36 31.85
N GLY A 264 -1.42 -5.81 31.92
CA GLY A 264 -0.44 -5.24 32.81
C GLY A 264 0.25 -4.02 32.21
N SER A 265 0.16 -3.87 30.89
CA SER A 265 0.94 -2.86 30.15
C SER A 265 0.02 -2.06 29.33
N GLY A 266 0.13 -0.75 29.42
CA GLY A 266 -0.81 0.11 28.70
C GLY A 266 -0.10 1.33 28.14
N ARG A 267 -0.90 2.11 27.43
CA ARG A 267 -0.40 3.43 26.99
C ARG A 267 -1.47 4.39 27.38
N LEU A 268 -1.08 5.52 27.96
CA LEU A 268 -2.04 6.48 28.33
C LEU A 268 -1.83 7.67 27.34
N LEU A 269 -2.93 8.08 26.71
CA LEU A 269 -2.82 9.10 25.62
C LEU A 269 -3.62 10.28 26.00
N VAL A 270 -3.08 11.44 25.70
CA VAL A 270 -3.83 12.67 26.00
C VAL A 270 -3.79 13.64 24.76
N ALA A 271 -4.89 14.39 24.50
CA ALA A 271 -4.86 15.44 23.51
C ALA A 271 -5.58 16.59 24.16
N ALA A 272 -5.10 17.82 24.04
CA ALA A 272 -5.77 18.94 24.72
C ALA A 272 -5.51 20.15 23.86
N ARG A 273 -6.37 21.15 23.97
CA ARG A 273 -6.19 22.42 23.20
C ARG A 273 -5.78 23.52 24.15
N LEU A 274 -4.78 24.31 23.78
CA LEU A 274 -4.43 25.45 24.53
C LEU A 274 -4.70 26.62 23.56
N GLY A 275 -5.81 27.36 23.76
CA GLY A 275 -6.17 28.35 22.70
C GLY A 275 -6.55 27.58 21.44
N THR A 276 -5.93 27.90 20.31
CA THR A 276 -6.22 27.09 19.13
C THR A 276 -5.26 25.91 18.86
N THR A 277 -4.19 25.80 19.65
CA THR A 277 -3.14 24.80 19.48
C THR A 277 -3.51 23.46 20.14
N ARG A 278 -3.59 22.44 19.32
CA ARG A 278 -3.89 21.11 19.86
C ARG A 278 -2.54 20.42 20.12
N LEU A 279 -2.33 20.03 21.37
CA LEU A 279 -1.11 19.27 21.75
C LEU A 279 -1.45 17.81 22.02
N LEU A 280 -0.53 16.90 21.71
CA LEU A 280 -0.73 15.48 22.01
C LEU A 280 0.43 15.01 22.90
N ASP A 281 0.25 13.97 23.70
CA ASP A 281 1.41 13.33 24.36
C ASP A 281 0.90 11.98 24.84
N ASN A 282 1.84 11.12 25.19
CA ASN A 282 1.41 9.74 25.69
C ASN A 282 2.57 9.15 26.50
N ILE A 283 2.30 8.07 27.26
CA ILE A 283 3.36 7.51 28.02
C ILE A 283 2.99 6.05 28.22
N ALA A 284 4.05 5.26 28.38
CA ALA A 284 3.88 3.84 28.83
C ALA A 284 3.36 3.80 30.28
N ILE A 285 2.40 2.93 30.58
CA ILE A 285 1.86 2.79 31.94
C ILE A 285 1.93 1.27 32.29
N GLU A 286 2.46 0.94 33.46
CA GLU A 286 2.40 -0.45 33.98
C GLU A 286 1.42 -0.46 35.13
N ILE A 287 0.48 -1.38 35.10
CA ILE A 287 -0.53 -1.32 36.12
C ILE A 287 -0.20 -2.23 37.29
N GLY A 288 -0.36 -1.74 38.52
CA GLY A 288 -0.22 -2.58 39.74
C GLY A 288 1.21 -3.08 39.90
N THR A 289 1.35 -4.42 40.09
CA THR A 289 2.65 -5.13 40.17
C THR A 289 3.64 -4.79 39.09
N PHE A 290 3.15 -4.52 37.87
CA PHE A 290 4.07 -4.14 36.79
C PHE A 290 4.78 -2.80 37.04
N ALA A 291 4.24 -2.01 38.00
CA ALA A 291 4.69 -0.64 38.27
C ALA A 291 5.56 -0.57 39.54
N MET B 1 17.54 -17.95 10.10
CA MET B 1 18.74 -17.27 9.55
C MET B 1 19.21 -17.92 8.22
N ALA B 2 19.28 -19.27 8.25
CA ALA B 2 19.42 -20.13 7.06
C ALA B 2 18.27 -19.94 6.02
N ILE B 3 18.60 -19.83 4.71
CA ILE B 3 17.58 -19.78 3.61
C ILE B 3 16.84 -21.12 3.63
N PRO B 4 15.52 -21.10 3.38
CA PRO B 4 14.86 -22.41 3.28
C PRO B 4 15.44 -23.21 2.12
N ALA B 5 15.30 -24.53 2.18
CA ALA B 5 15.72 -25.39 1.07
C ALA B 5 15.11 -24.99 -0.32
N PHE B 6 15.95 -24.84 -1.33
CA PHE B 6 15.55 -24.61 -2.72
C PHE B 6 16.39 -25.45 -3.63
N HIS B 7 15.72 -26.29 -4.39
CA HIS B 7 16.44 -27.14 -5.36
C HIS B 7 16.20 -26.64 -6.76
N PRO B 8 17.23 -26.06 -7.38
CA PRO B 8 17.06 -25.50 -8.73
C PRO B 8 16.66 -26.56 -9.74
N GLY B 9 15.76 -26.19 -10.65
CA GLY B 9 15.26 -27.07 -11.68
C GLY B 9 14.22 -28.07 -11.18
N GLU B 10 13.87 -28.02 -9.92
CA GLU B 10 12.73 -28.83 -9.43
C GLU B 10 11.56 -27.88 -9.05
N LEU B 11 10.39 -28.47 -8.85
CA LEU B 11 9.27 -27.72 -8.27
C LEU B 11 9.40 -27.64 -6.76
N ASN B 12 9.67 -26.42 -6.23
CA ASN B 12 9.72 -26.19 -4.81
C ASN B 12 8.45 -25.54 -4.29
N VAL B 13 7.79 -26.18 -3.33
CA VAL B 13 6.53 -25.69 -2.86
C VAL B 13 6.73 -25.09 -1.47
N TYR B 14 6.20 -23.88 -1.21
CA TYR B 14 6.26 -23.19 0.10
C TYR B 14 4.91 -22.66 0.41
N SER B 15 4.45 -22.92 1.62
N SER B 15 4.46 -22.93 1.61
CA SER B 15 3.18 -22.34 2.10
CA SER B 15 3.21 -22.33 2.10
C SER B 15 3.37 -21.20 3.09
C SER B 15 3.44 -21.08 2.89
N ALA B 16 4.61 -20.95 3.53
CA ALA B 16 4.86 -19.85 4.49
C ALA B 16 5.31 -18.63 3.74
N PRO B 17 4.63 -17.49 3.92
CA PRO B 17 5.08 -16.26 3.25
C PRO B 17 6.57 -15.96 3.49
N GLY B 18 7.06 -16.20 4.72
CA GLY B 18 8.40 -15.84 4.96
C GLY B 18 9.36 -16.74 4.27
N ASP B 19 9.01 -18.01 4.08
CA ASP B 19 9.88 -18.88 3.29
C ASP B 19 10.03 -18.43 1.86
N VAL B 20 8.89 -18.18 1.20
CA VAL B 20 8.99 -17.80 -0.20
C VAL B 20 9.75 -16.46 -0.33
N ALA B 21 9.52 -15.56 0.63
CA ALA B 21 10.21 -14.26 0.63
C ALA B 21 11.74 -14.44 0.74
N ASP B 22 12.13 -15.36 1.64
CA ASP B 22 13.59 -15.58 1.86
C ASP B 22 14.21 -16.24 0.68
N VAL B 23 13.55 -17.24 0.07
CA VAL B 23 14.06 -17.88 -1.16
C VAL B 23 14.11 -16.92 -2.35
N SER B 24 13.05 -16.16 -2.56
CA SER B 24 13.02 -15.16 -3.64
C SER B 24 14.17 -14.17 -3.46
N ARG B 25 14.38 -13.70 -2.21
CA ARG B 25 15.51 -12.76 -1.98
C ARG B 25 16.85 -13.45 -2.26
N ALA B 26 17.04 -14.65 -1.72
CA ALA B 26 18.27 -15.39 -2.03
C ALA B 26 18.48 -15.52 -3.56
N LEU B 27 17.39 -15.78 -4.30
CA LEU B 27 17.52 -16.04 -5.74
C LEU B 27 17.91 -14.77 -6.47
N ARG B 28 17.29 -13.67 -6.09
CA ARG B 28 17.55 -12.32 -6.67
C ARG B 28 19.06 -11.97 -6.47
N LEU B 29 19.57 -12.28 -5.30
CA LEU B 29 20.99 -12.01 -4.98
C LEU B 29 21.97 -12.82 -5.80
N THR B 30 21.54 -13.96 -6.33
CA THR B 30 22.44 -14.75 -7.15
C THR B 30 22.27 -14.43 -8.63
N GLY B 31 21.53 -13.39 -8.98
CA GLY B 31 21.36 -13.11 -10.40
C GLY B 31 20.00 -13.36 -11.07
N ARG B 32 19.23 -14.35 -10.58
CA ARG B 32 17.99 -14.71 -11.30
C ARG B 32 17.02 -13.54 -11.28
N ARG B 33 16.17 -13.45 -12.30
CA ARG B 33 15.11 -12.44 -12.39
C ARG B 33 13.84 -13.18 -11.96
N VAL B 34 13.18 -12.66 -10.93
CA VAL B 34 11.99 -13.32 -10.30
C VAL B 34 10.74 -12.90 -11.02
N MET B 35 9.99 -13.89 -11.49
CA MET B 35 8.74 -13.60 -12.21
C MET B 35 7.60 -14.16 -11.36
N LEU B 36 6.50 -13.39 -11.23
CA LEU B 36 5.35 -13.83 -10.45
C LEU B 36 4.10 -13.98 -11.34
N VAL B 37 3.47 -15.16 -11.20
CA VAL B 37 2.22 -15.45 -11.91
C VAL B 37 1.19 -15.78 -10.81
N PRO B 38 0.36 -14.80 -10.45
CA PRO B 38 -0.63 -15.10 -9.42
C PRO B 38 -1.84 -15.87 -9.99
N THR B 39 -2.32 -16.83 -9.23
CA THR B 39 -3.46 -17.68 -9.64
C THR B 39 -4.35 -17.99 -8.46
N MET B 40 -5.54 -18.54 -8.76
CA MET B 40 -6.30 -19.18 -7.70
C MET B 40 -6.42 -20.67 -7.93
N GLY B 41 -5.40 -21.28 -8.54
CA GLY B 41 -5.41 -22.76 -8.76
C GLY B 41 -6.45 -23.14 -9.83
N ALA B 42 -6.81 -24.42 -9.90
CA ALA B 42 -7.63 -24.95 -11.00
C ALA B 42 -7.04 -24.44 -12.32
N LEU B 43 -5.78 -24.78 -12.54
CA LEU B 43 -5.03 -24.20 -13.65
C LEU B 43 -5.51 -24.59 -15.05
N HIS B 44 -5.62 -23.63 -15.94
CA HIS B 44 -6.03 -23.88 -17.30
C HIS B 44 -5.05 -23.27 -18.30
N GLU B 45 -5.30 -23.40 -19.61
CA GLU B 45 -4.30 -23.09 -20.64
C GLU B 45 -3.95 -21.62 -20.55
N GLY B 46 -4.89 -20.85 -20.03
CA GLY B 46 -4.71 -19.40 -19.82
C GLY B 46 -3.54 -19.20 -18.80
N HIS B 47 -3.57 -19.94 -17.71
CA HIS B 47 -2.47 -19.82 -16.71
C HIS B 47 -1.18 -20.35 -17.33
N LEU B 48 -1.24 -21.43 -18.13
CA LEU B 48 0.01 -21.87 -18.76
C LEU B 48 0.61 -20.82 -19.72
N ALA B 49 -0.27 -20.06 -20.39
CA ALA B 49 0.29 -19.02 -21.23
C ALA B 49 1.00 -17.93 -20.39
N LEU B 50 0.49 -17.64 -19.18
CA LEU B 50 1.19 -16.66 -18.29
C LEU B 50 2.55 -17.25 -17.86
N VAL B 51 2.56 -18.54 -17.54
CA VAL B 51 3.79 -19.26 -17.18
C VAL B 51 4.78 -19.22 -18.30
N ARG B 52 4.33 -19.54 -19.54
CA ARG B 52 5.28 -19.60 -20.64
C ARG B 52 5.81 -18.25 -20.93
N ALA B 53 4.98 -17.22 -20.73
CA ALA B 53 5.45 -15.82 -20.97
C ALA B 53 6.57 -15.47 -19.96
N ALA B 54 6.39 -15.88 -18.73
CA ALA B 54 7.36 -15.58 -17.63
C ALA B 54 8.67 -16.35 -17.87
N LYS B 55 8.54 -17.61 -18.27
CA LYS B 55 9.69 -18.45 -18.52
C LYS B 55 10.57 -17.96 -19.59
N ARG B 56 10.04 -17.24 -20.55
CA ARG B 56 10.93 -16.80 -21.58
C ARG B 56 11.80 -15.60 -21.30
N VAL B 57 11.64 -14.95 -20.15
CA VAL B 57 12.64 -13.93 -19.74
C VAL B 57 14.00 -14.61 -19.38
N PRO B 58 15.11 -14.17 -20.05
CA PRO B 58 16.34 -14.96 -19.72
C PRO B 58 16.72 -14.77 -18.27
N GLY B 59 17.16 -15.89 -17.69
CA GLY B 59 17.54 -15.88 -16.25
C GLY B 59 16.36 -15.85 -15.29
N SER B 60 15.18 -16.19 -15.78
CA SER B 60 13.93 -16.11 -14.99
C SER B 60 13.92 -17.26 -13.98
N VAL B 61 13.36 -17.01 -12.78
CA VAL B 61 12.83 -18.13 -12.00
C VAL B 61 11.35 -17.78 -11.88
N VAL B 62 10.47 -18.78 -11.96
CA VAL B 62 9.09 -18.45 -12.06
C VAL B 62 8.43 -18.88 -10.77
N VAL B 63 7.69 -17.95 -10.11
CA VAL B 63 6.90 -18.21 -8.95
C VAL B 63 5.43 -18.20 -9.37
N VAL B 64 4.70 -19.27 -8.99
CA VAL B 64 3.28 -19.30 -9.31
C VAL B 64 2.65 -19.29 -7.96
N SER B 65 1.84 -18.28 -7.64
CA SER B 65 1.09 -18.39 -6.41
C SER B 65 -0.25 -19.04 -6.66
N ILE B 66 -0.74 -19.76 -5.64
CA ILE B 66 -2.07 -20.37 -5.77
C ILE B 66 -2.74 -20.01 -4.46
N PHE B 67 -3.72 -19.13 -4.52
CA PHE B 67 -4.33 -18.72 -3.31
C PHE B 67 -5.74 -18.27 -3.60
N VAL B 68 -6.73 -18.91 -2.95
CA VAL B 68 -8.13 -18.50 -3.12
C VAL B 68 -8.40 -17.35 -2.18
N ASN B 69 -8.61 -16.15 -2.72
CA ASN B 69 -8.79 -14.96 -1.89
C ASN B 69 -10.23 -14.97 -1.32
N PRO B 70 -10.40 -15.09 0.01
CA PRO B 70 -11.78 -15.12 0.53
C PRO B 70 -12.40 -13.70 0.61
N PRO B 86 -5.16 -29.53 -6.59
CA PRO B 86 -3.89 -29.40 -5.87
C PRO B 86 -2.71 -30.13 -6.55
N ASP B 87 -2.69 -31.46 -6.51
CA ASP B 87 -1.56 -32.25 -7.06
C ASP B 87 -1.53 -32.21 -8.59
N ASP B 88 -2.72 -32.21 -9.17
CA ASP B 88 -3.02 -31.77 -10.55
C ASP B 88 -2.37 -30.42 -10.95
N ASP B 89 -2.70 -29.37 -10.21
CA ASP B 89 -2.09 -28.05 -10.46
C ASP B 89 -0.58 -28.18 -10.44
N LEU B 90 -0.07 -28.81 -9.39
CA LEU B 90 1.39 -28.89 -9.17
C LEU B 90 2.09 -29.70 -10.26
N ALA B 91 1.45 -30.81 -10.66
CA ALA B 91 1.99 -31.59 -11.76
C ALA B 91 2.05 -30.80 -13.04
N GLN B 92 1.03 -29.98 -13.26
CA GLN B 92 1.03 -29.10 -14.46
C GLN B 92 2.23 -28.11 -14.39
N LEU B 93 2.44 -27.53 -13.20
CA LEU B 93 3.58 -26.58 -13.02
C LEU B 93 4.95 -27.29 -13.20
N ARG B 94 5.06 -28.49 -12.61
CA ARG B 94 6.22 -29.41 -12.82
C ARG B 94 6.54 -29.58 -14.30
N ALA B 95 5.51 -29.91 -15.07
CA ALA B 95 5.65 -30.12 -16.51
C ALA B 95 6.04 -28.84 -17.27
N GLU B 96 5.69 -27.65 -16.75
CA GLU B 96 6.09 -26.41 -17.43
C GLU B 96 7.49 -25.94 -17.06
N GLY B 97 8.14 -26.66 -16.16
CA GLY B 97 9.46 -26.19 -15.65
C GLY B 97 9.41 -25.06 -14.60
N VAL B 98 8.29 -24.88 -13.90
CA VAL B 98 8.16 -23.87 -12.87
C VAL B 98 8.95 -24.28 -11.63
N GLU B 99 9.75 -23.37 -11.07
CA GLU B 99 10.53 -23.77 -9.87
C GLU B 99 9.97 -23.46 -8.52
N ILE B 100 9.00 -22.52 -8.42
CA ILE B 100 8.48 -22.17 -7.16
C ILE B 100 6.92 -22.12 -7.25
N ALA B 101 6.26 -22.87 -6.37
CA ALA B 101 4.84 -22.69 -6.10
C ALA B 101 4.67 -22.15 -4.70
N PHE B 102 3.87 -21.06 -4.57
CA PHE B 102 3.62 -20.49 -3.27
C PHE B 102 2.13 -20.77 -2.90
N THR B 103 1.85 -21.60 -1.89
CA THR B 103 0.51 -22.04 -1.63
C THR B 103 0.11 -21.76 -0.18
N PRO B 104 -0.10 -20.49 0.17
CA PRO B 104 -0.39 -20.15 1.58
C PRO B 104 -1.80 -20.46 2.01
N THR B 105 -2.03 -20.57 3.33
CA THR B 105 -3.36 -20.66 3.90
C THR B 105 -3.93 -19.24 4.02
N THR B 106 -5.25 -19.14 4.16
CA THR B 106 -5.89 -17.89 4.48
C THR B 106 -5.26 -17.23 5.73
N ALA B 107 -5.04 -18.05 6.76
CA ALA B 107 -4.49 -17.59 8.02
C ALA B 107 -3.08 -17.00 7.85
N ALA B 108 -2.30 -17.60 6.96
CA ALA B 108 -0.91 -17.15 6.77
C ALA B 108 -0.96 -15.80 6.03
N MET B 109 -1.93 -15.66 5.15
CA MET B 109 -2.07 -14.40 4.40
C MET B 109 -2.70 -13.30 5.23
N TYR B 110 -3.57 -13.71 6.15
CA TYR B 110 -4.29 -12.75 6.94
C TYR B 110 -4.16 -13.10 8.48
N PRO B 111 -2.92 -13.11 9.05
CA PRO B 111 -2.73 -13.61 10.45
C PRO B 111 -3.35 -12.71 11.44
N ASP B 112 -3.58 -11.45 11.04
CA ASP B 112 -4.35 -10.48 11.89
C ASP B 112 -5.78 -10.19 11.43
N GLY B 113 -6.31 -10.99 10.51
CA GLY B 113 -7.61 -10.80 9.90
C GLY B 113 -7.58 -9.66 8.91
N LEU B 114 -8.75 -9.16 8.57
CA LEU B 114 -8.82 -8.09 7.59
C LEU B 114 -8.58 -6.77 8.34
N ARG B 115 -7.60 -5.99 7.95
CA ARG B 115 -7.37 -4.83 8.70
C ARG B 115 -7.00 -3.67 7.74
N THR B 116 -5.70 -3.43 7.52
CA THR B 116 -5.34 -2.42 6.50
C THR B 116 -5.66 -3.07 5.10
N THR B 117 -6.29 -2.29 4.24
CA THR B 117 -6.59 -2.82 2.89
C THR B 117 -6.29 -1.73 1.85
N VAL B 118 -6.35 -2.13 0.56
CA VAL B 118 -6.22 -1.17 -0.55
C VAL B 118 -7.57 -0.64 -0.97
N GLN B 119 -7.69 0.69 -1.06
CA GLN B 119 -8.90 1.25 -1.59
C GLN B 119 -8.65 1.72 -3.01
N PRO B 120 -9.23 0.98 -4.01
CA PRO B 120 -9.08 1.40 -5.42
C PRO B 120 -9.61 2.82 -5.66
N GLY B 121 -9.09 3.45 -6.71
CA GLY B 121 -9.69 4.68 -7.27
C GLY B 121 -11.08 4.46 -7.86
N PRO B 122 -11.71 5.52 -8.34
CA PRO B 122 -13.16 5.45 -8.71
C PRO B 122 -13.47 4.54 -9.91
N LEU B 123 -12.47 4.17 -10.68
CA LEU B 123 -12.63 3.14 -11.72
C LEU B 123 -13.19 1.83 -11.15
N ALA B 124 -12.88 1.45 -9.89
CA ALA B 124 -13.39 0.20 -9.34
C ALA B 124 -14.89 0.19 -9.14
N ALA B 125 -15.51 1.34 -9.23
CA ALA B 125 -16.95 1.42 -8.98
C ALA B 125 -17.71 1.26 -10.30
N GLU B 126 -17.01 1.33 -11.42
CA GLU B 126 -17.65 1.24 -12.77
C GLU B 126 -17.66 -0.17 -13.25
N LEU B 127 -18.47 -0.47 -14.30
CA LEU B 127 -18.32 -1.75 -15.00
C LEU B 127 -18.52 -2.97 -14.07
N GLU B 128 -17.49 -3.75 -13.76
CA GLU B 128 -17.65 -4.95 -12.93
C GLU B 128 -17.96 -4.55 -11.51
N GLY B 129 -17.67 -3.27 -11.20
CA GLY B 129 -17.72 -2.79 -9.83
C GLY B 129 -19.13 -2.39 -9.54
N GLY B 130 -20.01 -2.50 -10.56
CA GLY B 130 -21.48 -2.37 -10.42
C GLY B 130 -22.13 -3.54 -9.66
N PRO B 131 -22.10 -4.79 -10.24
CA PRO B 131 -22.49 -5.98 -9.44
C PRO B 131 -21.64 -6.23 -8.18
N ARG B 132 -20.37 -5.81 -8.17
CA ARG B 132 -19.44 -6.23 -7.12
C ARG B 132 -18.55 -5.05 -6.68
N PRO B 133 -19.16 -4.11 -5.90
CA PRO B 133 -18.54 -2.84 -5.50
C PRO B 133 -17.23 -2.94 -4.68
N THR B 134 -17.00 -4.10 -4.07
CA THR B 134 -15.79 -4.29 -3.30
C THR B 134 -14.89 -5.37 -3.85
N HIS B 135 -15.23 -5.98 -5.00
CA HIS B 135 -14.45 -7.10 -5.52
C HIS B 135 -12.98 -6.61 -5.73
N PHE B 136 -12.83 -5.44 -6.32
CA PHE B 136 -11.52 -5.03 -6.67
C PHE B 136 -10.65 -4.63 -5.46
N ALA B 137 -11.27 -4.07 -4.41
CA ALA B 137 -10.49 -3.79 -3.18
C ALA B 137 -9.85 -5.10 -2.71
N GLY B 138 -10.63 -6.19 -2.70
CA GLY B 138 -10.06 -7.48 -2.33
C GLY B 138 -8.91 -7.96 -3.25
N VAL B 139 -9.08 -7.83 -4.56
CA VAL B 139 -8.05 -8.23 -5.51
C VAL B 139 -6.78 -7.36 -5.32
N LEU B 140 -6.92 -6.05 -5.24
CA LEU B 140 -5.75 -5.17 -5.15
C LEU B 140 -4.99 -5.42 -3.83
N THR B 141 -5.74 -5.71 -2.75
CA THR B 141 -5.11 -6.03 -1.45
C THR B 141 -4.22 -7.28 -1.54
N VAL B 142 -4.77 -8.37 -2.08
N VAL B 142 -4.77 -8.34 -2.13
CA VAL B 142 -4.00 -9.60 -2.11
CA VAL B 142 -4.04 -9.59 -2.24
C VAL B 142 -2.86 -9.48 -3.15
C VAL B 142 -2.88 -9.46 -3.16
N VAL B 143 -3.10 -8.80 -4.28
CA VAL B 143 -2.01 -8.59 -5.31
C VAL B 143 -0.88 -7.76 -4.64
N LEU B 144 -1.25 -6.74 -3.91
CA LEU B 144 -0.19 -5.94 -3.25
C LEU B 144 0.60 -6.80 -2.27
N LYS B 145 -0.10 -7.63 -1.47
CA LYS B 145 0.63 -8.49 -0.53
C LYS B 145 1.54 -9.45 -1.26
N LEU B 146 1.05 -10.02 -2.36
CA LEU B 146 1.82 -11.05 -3.08
C LEU B 146 3.04 -10.36 -3.66
N LEU B 147 2.88 -9.11 -4.12
CA LEU B 147 4.03 -8.39 -4.68
C LEU B 147 5.10 -8.07 -3.59
N GLN B 148 4.64 -7.80 -2.38
CA GLN B 148 5.53 -7.47 -1.23
C GLN B 148 6.23 -8.74 -0.71
N ILE B 149 5.51 -9.88 -0.75
CA ILE B 149 6.12 -11.12 -0.29
C ILE B 149 7.21 -11.59 -1.29
N VAL B 150 6.89 -11.56 -2.56
CA VAL B 150 7.68 -12.24 -3.61
C VAL B 150 8.71 -11.24 -4.15
N ARG B 151 8.36 -9.96 -4.11
CA ARG B 151 9.21 -8.94 -4.81
C ARG B 151 9.73 -9.36 -6.19
N PRO B 152 8.84 -9.64 -7.13
CA PRO B 152 9.22 -10.05 -8.47
C PRO B 152 9.67 -8.85 -9.28
N ASP B 153 10.50 -9.11 -10.28
CA ASP B 153 10.83 -8.07 -11.23
C ASP B 153 9.64 -7.83 -12.14
N ARG B 154 8.85 -8.89 -12.46
CA ARG B 154 7.72 -8.70 -13.41
C ARG B 154 6.58 -9.61 -12.86
N VAL B 155 5.36 -9.13 -13.10
CA VAL B 155 4.19 -9.88 -12.60
C VAL B 155 3.25 -9.99 -13.83
N PHE B 156 2.62 -11.17 -13.98
CA PHE B 156 1.92 -11.50 -15.26
C PHE B 156 0.43 -11.73 -14.98
N PHE B 157 -0.39 -11.03 -15.77
CA PHE B 157 -1.82 -11.25 -15.71
C PHE B 157 -2.39 -11.43 -17.12
N GLY B 158 -3.54 -12.13 -17.23
CA GLY B 158 -4.15 -12.21 -18.55
C GLY B 158 -4.87 -10.89 -18.83
N GLU B 159 -5.12 -10.63 -20.11
CA GLU B 159 -5.93 -9.47 -20.47
C GLU B 159 -7.43 -9.69 -20.32
N LYS B 160 -7.82 -10.92 -20.04
CA LYS B 160 -9.30 -11.19 -20.01
C LYS B 160 -10.03 -10.29 -19.05
N ASP B 161 -9.49 -10.17 -17.85
CA ASP B 161 -10.20 -9.30 -16.92
C ASP B 161 -9.47 -7.97 -17.04
N TYR B 162 -9.90 -7.17 -18.00
CA TYR B 162 -9.12 -6.03 -18.36
C TYR B 162 -9.24 -4.92 -17.31
N GLN B 163 -10.42 -4.68 -16.75
CA GLN B 163 -10.57 -3.67 -15.77
C GLN B 163 -9.66 -3.99 -14.53
N GLN B 164 -9.66 -5.24 -14.09
CA GLN B 164 -8.72 -5.69 -13.10
C GLN B 164 -7.29 -5.32 -13.45
N LEU B 165 -6.83 -5.64 -14.67
CA LEU B 165 -5.49 -5.31 -15.10
C LEU B 165 -5.19 -3.83 -14.97
N VAL B 166 -6.09 -3.02 -15.47
CA VAL B 166 -5.92 -1.52 -15.39
C VAL B 166 -5.80 -1.05 -13.93
N LEU B 167 -6.66 -1.63 -13.07
CA LEU B 167 -6.65 -1.26 -11.66
C LEU B 167 -5.27 -1.65 -11.05
N ILE B 168 -4.77 -2.85 -11.42
CA ILE B 168 -3.42 -3.21 -10.95
C ILE B 168 -2.35 -2.25 -11.44
N ARG B 169 -2.39 -1.84 -12.70
CA ARG B 169 -1.41 -0.83 -13.15
CA ARG B 169 -1.46 -0.81 -13.18
C ARG B 169 -1.57 0.47 -12.35
N GLN B 170 -2.79 0.82 -12.01
CA GLN B 170 -2.98 2.03 -11.21
C GLN B 170 -2.34 1.82 -9.82
N LEU B 171 -2.62 0.71 -9.19
CA LEU B 171 -1.98 0.33 -7.92
C LEU B 171 -0.48 0.50 -8.01
N VAL B 172 0.14 -0.08 -9.04
CA VAL B 172 1.59 -0.01 -9.20
C VAL B 172 2.10 1.42 -9.35
N ALA B 173 1.43 2.17 -10.15
CA ALA B 173 1.83 3.60 -10.37
C ALA B 173 1.66 4.41 -9.07
N ASP B 174 0.47 4.29 -8.50
CA ASP B 174 0.05 5.08 -7.37
C ASP B 174 0.83 4.86 -6.10
N PHE B 175 1.32 3.61 -5.87
CA PHE B 175 2.05 3.30 -4.65
C PHE B 175 3.55 3.15 -5.01
N ASN B 176 3.98 3.56 -6.25
CA ASN B 176 5.39 3.61 -6.60
C ASN B 176 6.03 2.22 -6.50
N LEU B 177 5.24 1.18 -6.83
CA LEU B 177 5.84 -0.18 -6.81
C LEU B 177 6.90 -0.41 -7.89
N ASP B 178 7.97 -1.13 -7.62
N ASP B 178 7.95 -1.13 -7.48
CA ASP B 178 9.03 -1.15 -8.67
CA ASP B 178 9.04 -1.42 -8.42
C ASP B 178 8.87 -2.22 -9.81
C ASP B 178 8.84 -2.81 -9.03
N VAL B 179 7.77 -2.93 -9.79
CA VAL B 179 7.52 -4.12 -10.57
C VAL B 179 6.99 -3.72 -11.92
N ALA B 180 7.37 -4.51 -12.95
CA ALA B 180 6.81 -4.37 -14.30
C ALA B 180 5.52 -5.24 -14.39
N VAL B 181 4.43 -4.62 -14.78
CA VAL B 181 3.12 -5.39 -14.95
C VAL B 181 3.05 -5.79 -16.44
N VAL B 182 2.91 -7.08 -16.67
CA VAL B 182 2.87 -7.66 -18.05
C VAL B 182 1.48 -8.26 -18.27
N GLY B 183 0.77 -7.67 -19.21
CA GLY B 183 -0.53 -8.24 -19.68
C GLY B 183 -0.30 -9.21 -20.85
N VAL B 184 -0.89 -10.40 -20.74
CA VAL B 184 -0.68 -11.48 -21.69
C VAL B 184 -2.03 -11.63 -22.43
N PRO B 185 -2.00 -11.64 -23.78
CA PRO B 185 -3.24 -11.77 -24.53
C PRO B 185 -4.08 -12.96 -24.08
N THR B 186 -5.39 -12.76 -24.09
CA THR B 186 -6.31 -13.77 -23.58
C THR B 186 -6.20 -15.06 -24.44
N VAL B 187 -6.04 -16.20 -23.80
CA VAL B 187 -6.13 -17.50 -24.43
C VAL B 187 -7.65 -17.76 -24.65
N ARG B 188 -7.96 -18.33 -25.81
CA ARG B 188 -9.35 -18.57 -26.21
C ARG B 188 -9.56 -19.99 -26.71
N GLU B 189 -10.80 -20.48 -26.59
CA GLU B 189 -11.18 -21.73 -27.26
C GLU B 189 -11.17 -21.55 -28.79
N ALA B 190 -11.28 -22.68 -29.51
CA ALA B 190 -11.09 -22.64 -30.96
C ALA B 190 -12.08 -21.63 -31.66
N ASP B 191 -13.28 -21.49 -31.10
CA ASP B 191 -14.29 -20.62 -31.70
C ASP B 191 -14.22 -19.17 -31.22
N GLY B 192 -13.19 -18.87 -30.39
CA GLY B 192 -12.99 -17.53 -29.88
C GLY B 192 -13.43 -17.31 -28.45
N LEU B 193 -14.23 -18.21 -27.84
CA LEU B 193 -14.67 -17.95 -26.47
C LEU B 193 -13.48 -17.80 -25.47
N ALA B 194 -13.48 -16.72 -24.72
CA ALA B 194 -12.31 -16.45 -23.82
C ALA B 194 -12.27 -17.56 -22.74
N MET B 195 -11.10 -18.08 -22.46
CA MET B 195 -10.98 -19.13 -21.40
C MET B 195 -11.41 -18.60 -20.04
N SER B 196 -12.17 -19.43 -19.31
CA SER B 196 -12.66 -19.02 -18.00
C SER B 196 -13.09 -20.28 -17.25
N SER B 197 -13.02 -20.18 -15.92
CA SER B 197 -13.30 -21.35 -15.06
C SER B 197 -14.79 -21.58 -15.17
N ARG B 198 -15.51 -20.51 -15.52
CA ARG B 198 -16.98 -20.62 -15.67
C ARG B 198 -17.51 -21.32 -16.95
N ASN B 199 -16.70 -21.46 -17.99
CA ASN B 199 -17.22 -22.00 -19.24
C ASN B 199 -17.80 -23.45 -19.10
N ARG B 200 -17.20 -24.21 -18.17
CA ARG B 200 -17.62 -25.61 -17.90
C ARG B 200 -19.07 -25.74 -17.46
N TYR B 201 -19.59 -24.68 -16.86
CA TYR B 201 -20.95 -24.67 -16.35
C TYR B 201 -22.01 -24.47 -17.44
N LEU B 202 -21.58 -23.98 -18.61
CA LEU B 202 -22.56 -23.70 -19.69
C LEU B 202 -23.12 -25.01 -20.24
N ASP B 203 -24.44 -25.12 -20.32
CA ASP B 203 -24.98 -26.21 -21.13
C ASP B 203 -24.78 -25.93 -22.66
N PRO B 204 -25.09 -26.92 -23.53
CA PRO B 204 -24.76 -26.84 -24.92
C PRO B 204 -25.33 -25.57 -25.63
N ALA B 205 -26.57 -25.21 -25.29
CA ALA B 205 -27.25 -24.04 -25.85
C ALA B 205 -26.55 -22.74 -25.36
N GLN B 206 -26.21 -22.67 -24.08
CA GLN B 206 -25.49 -21.51 -23.54
C GLN B 206 -24.09 -21.47 -24.13
N ARG B 207 -23.47 -22.63 -24.28
CA ARG B 207 -22.09 -22.58 -24.77
C ARG B 207 -22.06 -22.14 -26.20
N ALA B 208 -23.09 -22.45 -26.97
CA ALA B 208 -23.12 -22.10 -28.39
C ALA B 208 -23.41 -20.59 -28.45
N ALA B 209 -24.27 -20.14 -27.56
CA ALA B 209 -24.63 -18.70 -27.54
C ALA B 209 -23.48 -17.84 -27.09
N ALA B 210 -22.63 -18.37 -26.21
CA ALA B 210 -21.56 -17.57 -25.60
C ALA B 210 -20.49 -17.11 -26.61
N VAL B 211 -20.37 -17.77 -27.74
N VAL B 211 -20.43 -17.78 -27.75
CA VAL B 211 -19.39 -17.33 -28.77
CA VAL B 211 -19.53 -17.41 -28.88
C VAL B 211 -19.80 -15.90 -29.23
C VAL B 211 -19.86 -15.98 -29.33
N ALA B 212 -21.07 -15.48 -28.99
CA ALA B 212 -21.47 -14.09 -29.47
C ALA B 212 -20.62 -13.01 -28.84
N LEU B 213 -20.11 -13.17 -27.60
CA LEU B 213 -19.27 -12.10 -26.99
C LEU B 213 -18.01 -11.89 -27.83
N SER B 214 -17.26 -12.94 -28.12
CA SER B 214 -16.00 -12.75 -28.85
C SER B 214 -16.28 -12.38 -30.33
N ALA B 215 -17.35 -12.93 -30.87
CA ALA B 215 -17.71 -12.67 -32.29
C ALA B 215 -18.09 -11.17 -32.36
N ALA B 216 -18.82 -10.65 -31.35
CA ALA B 216 -19.24 -9.21 -31.41
C ALA B 216 -18.02 -8.36 -31.34
N LEU B 217 -17.09 -8.77 -30.47
CA LEU B 217 -15.92 -7.85 -30.27
C LEU B 217 -15.03 -7.90 -31.48
N THR B 218 -14.77 -9.07 -32.07
CA THR B 218 -13.91 -9.07 -33.30
CA THR B 218 -13.92 -9.07 -33.26
C THR B 218 -14.63 -8.35 -34.46
N ALA B 219 -15.95 -8.50 -34.54
CA ALA B 219 -16.73 -7.82 -35.63
C ALA B 219 -16.47 -6.30 -35.41
N ALA B 220 -16.59 -5.85 -34.15
CA ALA B 220 -16.37 -4.43 -33.83
C ALA B 220 -15.00 -3.98 -34.18
N ALA B 221 -13.98 -4.79 -33.89
CA ALA B 221 -12.63 -4.30 -34.11
C ALA B 221 -12.40 -4.11 -35.62
N HIS B 222 -13.13 -4.87 -36.44
CA HIS B 222 -13.00 -4.74 -37.90
C HIS B 222 -13.92 -3.68 -38.48
N ALA B 223 -15.10 -3.45 -37.86
CA ALA B 223 -15.99 -2.46 -38.34
C ALA B 223 -15.34 -1.08 -38.07
N ALA B 224 -14.37 -1.04 -37.13
CA ALA B 224 -13.82 0.27 -36.56
C ALA B 224 -13.22 1.20 -37.60
N THR B 225 -12.81 0.67 -38.76
CA THR B 225 -12.43 1.57 -39.91
C THR B 225 -13.54 2.56 -40.28
N ALA B 226 -14.80 2.22 -39.98
CA ALA B 226 -15.94 3.04 -40.27
C ALA B 226 -16.34 3.96 -39.08
N GLY B 227 -15.57 3.91 -38.00
CA GLY B 227 -15.74 4.81 -36.85
C GLY B 227 -16.32 4.09 -35.62
N ALA B 228 -16.37 4.86 -34.54
CA ALA B 228 -16.74 4.30 -33.23
C ALA B 228 -18.17 3.83 -33.21
N GLN B 229 -19.08 4.59 -33.84
CA GLN B 229 -20.46 4.15 -33.76
C GLN B 229 -20.70 2.86 -34.56
N ALA B 230 -20.04 2.78 -35.71
CA ALA B 230 -20.15 1.55 -36.52
C ALA B 230 -19.64 0.40 -35.71
N ALA B 231 -18.54 0.57 -34.99
CA ALA B 231 -17.98 -0.53 -34.21
C ALA B 231 -19.00 -0.98 -33.16
N LEU B 232 -19.50 -0.03 -32.41
CA LEU B 232 -20.42 -0.37 -31.32
C LEU B 232 -21.67 -1.00 -31.91
N ASP B 233 -22.16 -0.47 -33.05
CA ASP B 233 -23.41 -0.98 -33.63
C ASP B 233 -23.20 -2.41 -34.16
N ALA B 234 -22.00 -2.65 -34.73
CA ALA B 234 -21.66 -4.04 -35.18
C ALA B 234 -21.69 -5.02 -33.98
N ALA B 235 -21.01 -4.67 -32.86
CA ALA B 235 -20.99 -5.57 -31.69
C ALA B 235 -22.42 -5.79 -31.20
N ARG B 236 -23.17 -4.68 -31.11
CA ARG B 236 -24.54 -4.81 -30.55
C ARG B 236 -25.36 -5.79 -31.43
N ALA B 237 -25.21 -5.69 -32.77
CA ALA B 237 -26.01 -6.55 -33.69
C ALA B 237 -25.69 -8.05 -33.45
N VAL B 238 -24.39 -8.38 -33.26
CA VAL B 238 -24.00 -9.75 -33.01
C VAL B 238 -24.58 -10.25 -31.69
N LEU B 239 -24.47 -9.46 -30.63
CA LEU B 239 -25.10 -9.82 -29.33
C LEU B 239 -26.62 -9.96 -29.48
N ASP B 240 -27.26 -9.09 -30.25
CA ASP B 240 -28.74 -9.20 -30.51
C ASP B 240 -29.11 -10.48 -31.30
N ALA B 241 -28.18 -11.09 -32.02
CA ALA B 241 -28.47 -12.35 -32.73
C ALA B 241 -28.44 -13.61 -31.82
N ALA B 242 -28.05 -13.45 -30.55
CA ALA B 242 -27.89 -14.59 -29.62
C ALA B 242 -29.07 -14.67 -28.66
N PRO B 243 -29.61 -15.89 -28.48
CA PRO B 243 -30.69 -16.03 -27.50
C PRO B 243 -30.08 -16.22 -26.08
N GLY B 244 -30.77 -15.73 -25.07
CA GLY B 244 -30.42 -16.02 -23.64
C GLY B 244 -29.06 -15.41 -23.22
N VAL B 245 -28.70 -14.29 -23.87
CA VAL B 245 -27.52 -13.51 -23.52
C VAL B 245 -27.95 -12.14 -23.06
N ALA B 246 -27.91 -11.95 -21.75
CA ALA B 246 -28.40 -10.75 -21.10
C ALA B 246 -27.19 -9.83 -20.93
N VAL B 247 -27.06 -8.91 -21.85
CA VAL B 247 -25.91 -8.00 -21.82
C VAL B 247 -25.95 -6.96 -20.69
N ASP B 248 -24.96 -7.01 -19.80
CA ASP B 248 -24.94 -6.01 -18.72
C ASP B 248 -24.29 -4.71 -19.16
N TYR B 249 -23.22 -4.78 -19.94
CA TYR B 249 -22.73 -3.54 -20.56
C TYR B 249 -21.93 -3.86 -21.81
N LEU B 250 -21.79 -2.86 -22.66
CA LEU B 250 -21.02 -2.91 -23.89
C LEU B 250 -20.43 -1.49 -24.04
N GLU B 251 -19.18 -1.33 -23.63
N GLU B 251 -19.15 -1.38 -23.72
CA GLU B 251 -18.59 0.00 -23.68
CA GLU B 251 -18.53 -0.06 -23.54
C GLU B 251 -17.24 0.11 -24.33
C GLU B 251 -17.19 0.13 -24.26
N LEU B 252 -17.06 1.22 -25.03
CA LEU B 252 -15.81 1.53 -25.70
C LEU B 252 -15.12 2.65 -24.87
N ARG B 253 -13.90 2.39 -24.39
CA ARG B 253 -13.19 3.33 -23.52
C ARG B 253 -11.81 3.54 -24.11
N ASP B 254 -11.00 4.49 -23.59
CA ASP B 254 -9.64 4.52 -23.98
C ASP B 254 -8.91 3.37 -23.30
N ILE B 255 -7.63 3.18 -23.59
CA ILE B 255 -6.94 2.01 -23.10
C ILE B 255 -6.72 2.02 -21.56
N GLY B 256 -6.91 3.19 -20.93
CA GLY B 256 -6.80 3.32 -19.47
C GLY B 256 -8.14 3.23 -18.83
N LEU B 257 -9.18 3.02 -19.66
CA LEU B 257 -10.60 2.96 -19.27
C LEU B 257 -11.25 4.32 -18.91
N GLY B 258 -10.56 5.41 -19.28
CA GLY B 258 -11.25 6.71 -19.35
C GLY B 258 -12.14 6.80 -20.62
N PRO B 259 -12.78 7.97 -20.86
CA PRO B 259 -13.61 8.13 -22.06
C PRO B 259 -12.80 7.97 -23.34
N MET B 260 -13.42 7.27 -24.29
CA MET B 260 -12.80 7.03 -25.60
C MET B 260 -12.51 8.36 -26.28
N PRO B 261 -11.25 8.57 -26.72
CA PRO B 261 -10.83 9.79 -27.41
C PRO B 261 -11.33 9.70 -28.85
N LEU B 262 -11.51 10.85 -29.51
CA LEU B 262 -12.19 10.89 -30.85
C LEU B 262 -11.73 9.86 -31.92
N ASN B 263 -10.42 9.69 -32.08
CA ASN B 263 -9.90 8.48 -32.73
C ASN B 263 -8.72 7.91 -31.90
N GLY B 264 -7.89 7.06 -32.49
CA GLY B 264 -6.79 6.48 -31.73
C GLY B 264 -7.21 5.19 -31.02
N SER B 265 -6.40 4.77 -30.06
CA SER B 265 -6.49 3.44 -29.51
C SER B 265 -7.52 3.39 -28.39
N GLY B 266 -8.19 2.24 -28.28
CA GLY B 266 -9.25 2.10 -27.32
C GLY B 266 -9.37 0.62 -26.95
N ARG B 267 -10.34 0.39 -26.10
CA ARG B 267 -10.64 -1.00 -25.68
C ARG B 267 -12.14 -1.12 -25.65
N LEU B 268 -12.69 -2.21 -26.19
CA LEU B 268 -14.15 -2.47 -26.13
C LEU B 268 -14.44 -3.59 -25.16
N LEU B 269 -15.27 -3.35 -24.17
CA LEU B 269 -15.51 -4.34 -23.14
C LEU B 269 -16.95 -4.79 -23.09
N VAL B 270 -17.18 -6.08 -22.85
CA VAL B 270 -18.58 -6.56 -22.76
C VAL B 270 -18.71 -7.48 -21.55
N ALA B 271 -19.90 -7.49 -20.93
CA ALA B 271 -20.19 -8.51 -19.98
C ALA B 271 -21.65 -8.93 -20.14
N ALA B 272 -21.92 -10.21 -19.91
CA ALA B 272 -23.26 -10.72 -20.09
C ALA B 272 -23.53 -11.89 -19.20
N ARG B 273 -24.82 -12.11 -18.92
CA ARG B 273 -25.23 -13.27 -18.12
C ARG B 273 -25.93 -14.30 -18.95
N LEU B 274 -25.47 -15.55 -18.91
CA LEU B 274 -26.11 -16.58 -19.66
C LEU B 274 -26.64 -17.61 -18.62
N GLY B 275 -27.96 -17.65 -18.40
CA GLY B 275 -28.52 -18.48 -17.26
C GLY B 275 -27.96 -17.84 -15.99
N THR B 276 -27.17 -18.59 -15.23
CA THR B 276 -26.61 -18.02 -13.98
C THR B 276 -25.11 -17.68 -14.10
N THR B 277 -24.57 -17.78 -15.31
CA THR B 277 -23.11 -17.68 -15.47
C THR B 277 -22.80 -16.29 -16.06
N ARG B 278 -21.93 -15.51 -15.43
CA ARG B 278 -21.58 -14.18 -15.96
C ARG B 278 -20.28 -14.31 -16.74
N LEU B 279 -20.28 -13.78 -17.98
CA LEU B 279 -19.08 -13.92 -18.88
C LEU B 279 -18.56 -12.54 -19.21
N LEU B 280 -17.26 -12.42 -19.50
CA LEU B 280 -16.73 -11.03 -19.78
C LEU B 280 -15.80 -11.29 -20.95
N ASP B 281 -15.60 -10.28 -21.81
CA ASP B 281 -14.56 -10.34 -22.80
C ASP B 281 -14.21 -8.87 -23.12
N ASN B 282 -13.09 -8.67 -23.76
CA ASN B 282 -12.73 -7.30 -24.20
C ASN B 282 -11.78 -7.42 -25.37
N ILE B 283 -11.59 -6.34 -26.13
CA ILE B 283 -10.65 -6.37 -27.26
C ILE B 283 -10.11 -4.96 -27.46
N ALA B 284 -8.89 -4.92 -28.03
CA ALA B 284 -8.23 -3.68 -28.59
C ALA B 284 -9.01 -3.16 -29.76
N ILE B 285 -9.22 -1.86 -29.82
CA ILE B 285 -10.00 -1.25 -30.90
C ILE B 285 -9.15 -0.03 -31.37
N GLU B 286 -9.00 0.16 -32.68
CA GLU B 286 -8.24 1.31 -33.25
C GLU B 286 -9.26 2.09 -34.07
N ILE B 287 -9.50 3.33 -33.70
CA ILE B 287 -10.61 4.07 -34.34
C ILE B 287 -10.27 4.75 -35.68
N GLY B 288 -10.89 4.22 -36.77
CA GLY B 288 -10.76 4.76 -38.13
C GLY B 288 -9.43 4.37 -38.77
#